data_5DKS
#
_entry.id   5DKS
#
_cell.length_a   54.540
_cell.length_b   82.750
_cell.length_c   58.150
_cell.angle_alpha   90.000
_cell.angle_beta   110.830
_cell.angle_gamma   90.000
#
_symmetry.space_group_name_H-M   'P 1 21 1'
#
loop_
_entity.id
_entity.type
_entity.pdbx_description
1 polymer 'Estrogen receptor'
2 polymer 'Nuclear receptor coactivator 2'
3 non-polymer "4,4'-{2-[3-(naphthalen-1-ylamino)phenyl]but-1-ene-1,1-diyl}diphenol"
4 water water
#
loop_
_entity_poly.entity_id
_entity_poly.type
_entity_poly.pdbx_seq_one_letter_code
_entity_poly.pdbx_strand_id
1 'polypeptide(L)'
;IKRSKKNSLALSLTADQMVSALLDAEPPILYSEYDPTRPFSEASMMGLLTNLADRELVHMINWAKRVPGFVDLTLHDQVH
LLECAWLEILMIGLVWRSMEHPGKLLFAPNLLLDRNQGKCVEGMVEIFDMLLATSSRFRMMNLQGEEFVCLKSIILLNSG
VYTFLSSTLKSLEEKDHIHRVLDKITDTLIHLMAKAGLTLQQQHQRLAQLLLILSHIRHMSNKGMEHLYSMKCKNVVPLS
DLLLEMLDAHRLHAPTS
;
A,B
2 'polypeptide(L)' KHKILHRLLQDSSS C,D
#
loop_
_chem_comp.id
_chem_comp.type
_chem_comp.name
_chem_comp.formula
5C6 non-polymer 4,4'-{2-[3-(naphthalen-1-ylamino)phenyl]but-1-ene-1,1-diyl}diphenol 'C32 H27 N O2'
#
# COMPACT_ATOMS: atom_id res chain seq x y z
N SER A 8 -8.87 24.67 11.23
CA SER A 8 -9.00 25.02 9.82
C SER A 8 -10.20 24.32 9.18
N LEU A 9 -11.39 24.72 9.63
CA LEU A 9 -12.65 24.18 9.10
C LEU A 9 -12.77 22.66 9.22
N ALA A 10 -11.91 21.95 8.48
CA ALA A 10 -11.92 20.49 8.45
C ALA A 10 -11.78 19.89 9.85
N LEU A 11 -10.82 20.40 10.62
CA LEU A 11 -10.56 19.91 11.97
C LEU A 11 -11.71 20.24 12.91
N SER A 12 -12.39 21.34 12.65
CA SER A 12 -13.48 21.79 13.51
C SER A 12 -14.76 21.00 13.27
N LEU A 13 -14.83 20.33 12.12
CA LEU A 13 -16.01 19.55 11.77
C LEU A 13 -16.20 18.35 12.69
N THR A 14 -17.45 17.93 12.83
CA THR A 14 -17.77 16.70 13.53
C THR A 14 -17.87 15.58 12.51
N ALA A 15 -17.85 14.34 12.98
CA ALA A 15 -17.81 13.17 12.11
C ALA A 15 -18.99 13.10 11.13
N ASP A 16 -20.16 13.54 11.57
CA ASP A 16 -21.33 13.58 10.72
C ASP A 16 -21.21 14.67 9.68
N GLN A 17 -20.64 15.80 10.06
CA GLN A 17 -20.42 16.90 9.14
C GLN A 17 -19.29 16.60 8.17
N MET A 18 -18.49 15.60 8.50
CA MET A 18 -17.42 15.15 7.61
C MET A 18 -17.98 14.24 6.53
N VAL A 19 -18.81 13.28 6.96
CA VAL A 19 -19.46 12.36 6.03
C VAL A 19 -20.37 13.10 5.05
N SER A 20 -21.13 14.06 5.57
CA SER A 20 -22.05 14.83 4.75
C SER A 20 -21.31 15.78 3.82
N ALA A 21 -20.04 16.04 4.12
CA ALA A 21 -19.21 16.88 3.25
C ALA A 21 -18.61 16.05 2.13
N LEU A 22 -18.19 14.84 2.45
CA LEU A 22 -17.60 13.94 1.47
C LEU A 22 -18.64 13.36 0.53
N LEU A 23 -19.78 12.95 1.08
CA LEU A 23 -20.88 12.42 0.29
C LEU A 23 -21.40 13.45 -0.71
N ASP A 24 -21.24 14.72 -0.36
CA ASP A 24 -21.74 15.80 -1.19
C ASP A 24 -20.74 16.19 -2.27
N ALA A 25 -19.46 15.95 -2.01
CA ALA A 25 -18.40 16.30 -2.95
C ALA A 25 -18.17 15.20 -3.97
N GLU A 26 -18.97 14.13 -3.87
CA GLU A 26 -18.84 12.98 -4.75
C GLU A 26 -18.94 13.33 -6.23
N PRO A 27 -17.97 12.85 -7.02
CA PRO A 27 -18.01 13.02 -8.47
C PRO A 27 -19.12 12.18 -9.06
N PRO A 28 -19.67 12.60 -10.21
CA PRO A 28 -20.73 11.82 -10.85
C PRO A 28 -20.16 10.64 -11.60
N ILE A 29 -21.02 9.72 -12.01
CA ILE A 29 -20.60 8.59 -12.84
C ILE A 29 -20.73 8.94 -14.30
N LEU A 30 -19.60 9.09 -14.97
CA LEU A 30 -19.57 9.47 -16.38
C LEU A 30 -19.81 8.26 -17.28
N TYR A 31 -20.18 8.54 -18.53
CA TYR A 31 -20.44 7.50 -19.51
C TYR A 31 -19.29 7.38 -20.50
N SER A 32 -19.28 6.28 -21.23
CA SER A 32 -18.27 6.04 -22.26
C SER A 32 -18.83 6.32 -23.65
N GLU A 33 -17.94 6.46 -24.62
CA GLU A 33 -18.33 6.76 -26.00
C GLU A 33 -19.10 5.60 -26.61
N PRO A 39 -17.83 -5.93 -30.37
CA PRO A 39 -16.53 -6.46 -29.97
C PRO A 39 -15.44 -5.39 -30.05
N PHE A 40 -14.51 -5.41 -29.11
CA PHE A 40 -13.46 -4.40 -29.07
C PHE A 40 -12.11 -4.94 -29.52
N SER A 41 -11.20 -4.03 -29.84
CA SER A 41 -9.82 -4.39 -30.14
C SER A 41 -8.95 -3.93 -28.97
N GLU A 42 -7.65 -3.87 -29.20
CA GLU A 42 -6.73 -3.42 -28.16
C GLU A 42 -6.82 -1.91 -27.98
N ALA A 43 -6.68 -1.18 -29.07
CA ALA A 43 -6.72 0.28 -29.04
C ALA A 43 -8.13 0.80 -28.80
N SER A 44 -9.11 -0.05 -29.02
CA SER A 44 -10.51 0.33 -28.83
C SER A 44 -10.86 0.45 -27.35
N MET A 45 -10.67 -0.64 -26.62
CA MET A 45 -11.00 -0.67 -25.20
C MET A 45 -10.11 0.30 -24.42
N MET A 46 -8.84 0.37 -24.82
CA MET A 46 -7.91 1.31 -24.21
C MET A 46 -8.29 2.74 -24.53
N GLY A 47 -8.65 2.98 -25.79
CA GLY A 47 -9.02 4.31 -26.26
C GLY A 47 -10.21 4.88 -25.51
N LEU A 48 -11.19 4.02 -25.26
CA LEU A 48 -12.38 4.42 -24.51
C LEU A 48 -12.03 4.69 -23.05
N LEU A 49 -11.07 3.95 -22.54
CA LEU A 49 -10.67 4.05 -21.14
C LEU A 49 -9.89 5.32 -20.86
N THR A 50 -9.00 5.70 -21.78
CA THR A 50 -8.22 6.92 -21.60
C THR A 50 -9.08 8.16 -21.78
N ASN A 51 -10.11 8.04 -22.62
CA ASN A 51 -11.06 9.11 -22.83
C ASN A 51 -11.93 9.30 -21.59
N LEU A 52 -12.35 8.18 -21.01
CA LEU A 52 -13.16 8.19 -19.80
C LEU A 52 -12.35 8.72 -18.62
N ALA A 53 -11.10 8.27 -18.51
CA ALA A 53 -10.22 8.68 -17.41
C ALA A 53 -9.92 10.17 -17.45
N ASP A 54 -9.72 10.69 -18.65
CA ASP A 54 -9.38 12.11 -18.83
C ASP A 54 -10.54 13.02 -18.40
N ARG A 55 -11.76 12.58 -18.66
CA ARG A 55 -12.94 13.34 -18.25
C ARG A 55 -13.20 13.21 -16.76
N GLU A 56 -12.90 12.05 -16.20
CA GLU A 56 -13.03 11.82 -14.77
C GLU A 56 -12.02 12.65 -13.98
N LEU A 57 -10.87 12.90 -14.59
CA LEU A 57 -9.80 13.65 -13.95
C LEU A 57 -10.23 15.07 -13.56
N VAL A 58 -11.03 15.69 -14.42
CA VAL A 58 -11.47 17.06 -14.18
C VAL A 58 -12.44 17.10 -12.99
N HIS A 59 -13.27 16.08 -12.88
CA HIS A 59 -14.21 15.99 -11.76
C HIS A 59 -13.48 15.66 -10.46
N MET A 60 -12.42 14.87 -10.56
CA MET A 60 -11.62 14.48 -9.41
C MET A 60 -10.95 15.71 -8.79
N ILE A 61 -10.40 16.56 -9.66
CA ILE A 61 -9.74 17.78 -9.24
C ILE A 61 -10.67 18.69 -8.45
N ASN A 62 -11.92 18.76 -8.88
CA ASN A 62 -12.92 19.55 -8.16
C ASN A 62 -13.47 18.82 -6.93
N TRP A 63 -13.36 17.50 -6.93
CA TRP A 63 -13.72 16.72 -5.76
C TRP A 63 -12.67 16.88 -4.67
N ALA A 64 -11.41 16.91 -5.09
CA ALA A 64 -10.30 17.07 -4.18
C ALA A 64 -10.38 18.41 -3.47
N LYS A 65 -10.70 19.45 -4.22
CA LYS A 65 -10.83 20.80 -3.68
C LYS A 65 -11.95 20.92 -2.67
N ARG A 66 -12.89 19.98 -2.73
CA ARG A 66 -14.01 19.98 -1.78
C ARG A 66 -13.81 18.97 -0.65
N VAL A 67 -12.63 18.34 -0.65
CA VAL A 67 -12.26 17.47 0.46
C VAL A 67 -11.73 18.35 1.59
N PRO A 68 -12.36 18.25 2.77
CA PRO A 68 -12.01 19.05 3.95
C PRO A 68 -10.52 19.00 4.27
N GLY A 69 -9.85 20.14 4.14
CA GLY A 69 -8.44 20.24 4.49
C GLY A 69 -7.52 20.31 3.29
N PHE A 70 -8.05 19.95 2.12
CA PHE A 70 -7.26 19.90 0.91
C PHE A 70 -6.94 21.28 0.37
N VAL A 71 -7.82 22.24 0.65
CA VAL A 71 -7.61 23.62 0.22
C VAL A 71 -6.65 24.36 1.15
N ASP A 72 -6.51 23.86 2.37
CA ASP A 72 -5.60 24.46 3.34
C ASP A 72 -4.15 24.25 2.91
N LEU A 73 -3.95 23.30 2.00
CA LEU A 73 -2.62 22.99 1.50
C LEU A 73 -2.20 23.95 0.40
N THR A 74 -0.90 24.11 0.22
CA THR A 74 -0.36 24.95 -0.84
C THR A 74 -0.69 24.33 -2.20
N LEU A 75 -0.66 25.15 -3.24
CA LEU A 75 -0.97 24.70 -4.59
C LEU A 75 0.01 23.61 -5.02
N HIS A 76 1.26 23.75 -4.57
CA HIS A 76 2.29 22.76 -4.88
C HIS A 76 1.99 21.41 -4.24
N ASP A 77 1.50 21.43 -3.01
CA ASP A 77 1.17 20.21 -2.30
C ASP A 77 -0.06 19.52 -2.87
N GLN A 78 -1.00 20.32 -3.35
CA GLN A 78 -2.20 19.81 -3.98
C GLN A 78 -1.87 19.04 -5.25
N VAL A 79 -0.94 19.60 -6.02
CA VAL A 79 -0.49 18.98 -7.26
C VAL A 79 0.19 17.64 -6.97
N HIS A 80 1.04 17.63 -5.95
CA HIS A 80 1.79 16.43 -5.59
C HIS A 80 0.88 15.28 -5.19
N LEU A 81 -0.09 15.55 -4.33
CA LEU A 81 -1.01 14.53 -3.86
C LEU A 81 -1.85 13.97 -4.99
N LEU A 82 -2.32 14.84 -5.88
CA LEU A 82 -3.14 14.41 -7.01
C LEU A 82 -2.32 13.64 -8.04
N GLU A 83 -1.09 14.05 -8.27
CA GLU A 83 -0.21 13.36 -9.20
C GLU A 83 0.10 11.96 -8.71
N CYS A 84 0.12 11.79 -7.40
CA CYS A 84 0.53 10.54 -6.78
C CYS A 84 -0.59 9.51 -6.71
N ALA A 85 -1.82 9.99 -6.48
CA ALA A 85 -2.92 9.08 -6.16
C ALA A 85 -4.08 9.06 -7.16
N TRP A 86 -3.95 9.79 -8.27
CA TRP A 86 -5.04 9.91 -9.23
C TRP A 86 -5.57 8.57 -9.76
N LEU A 87 -4.65 7.64 -10.03
CA LEU A 87 -5.05 6.34 -10.55
C LEU A 87 -5.66 5.47 -9.46
N GLU A 88 -5.12 5.59 -8.24
CA GLU A 88 -5.67 4.89 -7.09
C GLU A 88 -7.12 5.27 -6.85
N ILE A 89 -7.40 6.56 -7.02
CA ILE A 89 -8.74 7.09 -6.82
C ILE A 89 -9.70 6.65 -7.91
N LEU A 90 -9.20 6.64 -9.15
CA LEU A 90 -9.98 6.13 -10.28
C LEU A 90 -10.27 4.65 -10.06
N MET A 91 -9.28 3.94 -9.53
CA MET A 91 -9.40 2.50 -9.32
C MET A 91 -10.38 2.13 -8.22
N ILE A 92 -10.26 2.79 -7.07
CA ILE A 92 -11.17 2.49 -5.95
C ILE A 92 -12.60 2.90 -6.31
N GLY A 93 -12.73 3.87 -7.21
CA GLY A 93 -14.03 4.28 -7.70
C GLY A 93 -14.60 3.22 -8.61
N LEU A 94 -13.74 2.65 -9.44
CA LEU A 94 -14.11 1.55 -10.33
C LEU A 94 -14.55 0.34 -9.53
N VAL A 95 -13.79 0.03 -8.48
CA VAL A 95 -14.08 -1.11 -7.63
C VAL A 95 -15.43 -0.92 -6.93
N TRP A 96 -15.69 0.30 -6.50
CA TRP A 96 -16.93 0.64 -5.82
C TRP A 96 -18.14 0.58 -6.75
N ARG A 97 -17.92 0.91 -8.02
CA ARG A 97 -19.01 0.85 -9.00
C ARG A 97 -19.32 -0.59 -9.40
N SER A 98 -18.30 -1.43 -9.37
CA SER A 98 -18.40 -2.81 -9.83
C SER A 98 -18.77 -3.77 -8.71
N MET A 99 -19.14 -3.22 -7.57
CA MET A 99 -19.41 -4.03 -6.37
C MET A 99 -20.69 -4.83 -6.52
N GLU A 100 -21.68 -4.27 -7.20
CA GLU A 100 -22.96 -4.93 -7.37
C GLU A 100 -23.04 -5.69 -8.68
N HIS A 101 -21.88 -5.87 -9.33
CA HIS A 101 -21.80 -6.63 -10.56
C HIS A 101 -20.66 -7.65 -10.47
N PRO A 102 -20.88 -8.73 -9.70
CA PRO A 102 -19.86 -9.75 -9.42
C PRO A 102 -19.30 -10.38 -10.69
N GLY A 103 -17.97 -10.37 -10.82
CA GLY A 103 -17.31 -10.93 -11.98
C GLY A 103 -17.16 -9.93 -13.10
N LYS A 104 -17.68 -8.73 -12.87
CA LYS A 104 -17.66 -7.68 -13.90
C LYS A 104 -17.09 -6.38 -13.34
N LEU A 105 -16.53 -5.56 -14.24
CA LEU A 105 -16.03 -4.25 -13.88
C LEU A 105 -16.82 -3.17 -14.61
N LEU A 106 -17.53 -2.35 -13.84
CA LEU A 106 -18.36 -1.31 -14.42
C LEU A 106 -17.59 0.00 -14.56
N PHE A 107 -16.89 0.14 -15.68
CA PHE A 107 -16.15 1.37 -15.97
C PHE A 107 -17.13 2.53 -16.12
N ALA A 108 -18.18 2.27 -16.88
CA ALA A 108 -19.28 3.21 -17.06
C ALA A 108 -20.56 2.42 -17.08
N PRO A 109 -21.71 3.07 -16.83
CA PRO A 109 -22.98 2.34 -16.88
C PRO A 109 -23.23 1.71 -18.25
N ASN A 110 -22.63 2.28 -19.28
CA ASN A 110 -22.75 1.74 -20.63
C ASN A 110 -21.48 1.02 -21.07
N LEU A 111 -20.61 0.72 -20.09
CA LEU A 111 -19.36 0.01 -20.37
C LEU A 111 -19.08 -1.03 -19.29
N LEU A 112 -19.76 -2.17 -19.39
CA LEU A 112 -19.61 -3.24 -18.42
C LEU A 112 -18.85 -4.42 -19.05
N LEU A 113 -17.69 -4.72 -18.48
CA LEU A 113 -16.82 -5.76 -19.03
C LEU A 113 -16.42 -6.78 -17.97
N ASP A 114 -16.14 -8.00 -18.41
CA ASP A 114 -15.69 -9.05 -17.50
C ASP A 114 -14.36 -9.65 -17.93
N ARG A 115 -14.00 -10.76 -17.30
CA ARG A 115 -12.66 -11.35 -17.43
C ARG A 115 -12.28 -11.74 -18.86
N ASN A 116 -13.19 -12.38 -19.57
CA ASN A 116 -12.90 -12.83 -20.93
C ASN A 116 -12.92 -11.70 -21.96
N GLN A 117 -13.83 -10.75 -21.79
CA GLN A 117 -13.88 -9.57 -22.65
C GLN A 117 -12.70 -8.67 -22.31
N GLY A 118 -12.18 -8.84 -21.10
CA GLY A 118 -11.14 -7.98 -20.58
C GLY A 118 -9.91 -7.81 -21.45
N LYS A 119 -9.15 -8.90 -21.60
CA LYS A 119 -7.82 -8.91 -22.23
C LYS A 119 -7.63 -8.01 -23.47
N CYS A 120 -7.69 -8.61 -24.65
CA CYS A 120 -7.34 -7.92 -25.90
C CYS A 120 -5.96 -7.29 -25.76
N VAL A 121 -5.93 -6.16 -25.06
CA VAL A 121 -4.69 -5.48 -24.69
C VAL A 121 -3.78 -6.42 -23.90
N GLU A 122 -2.48 -6.37 -24.24
CA GLU A 122 -1.42 -7.22 -23.68
C GLU A 122 -1.75 -8.01 -22.41
N GLY A 123 -1.27 -7.53 -21.27
CA GLY A 123 -1.58 -8.17 -20.00
C GLY A 123 -2.99 -7.79 -19.58
N MET A 124 -3.08 -7.04 -18.49
CA MET A 124 -4.34 -6.39 -18.10
C MET A 124 -5.48 -7.35 -17.77
N VAL A 125 -5.14 -8.63 -17.58
CA VAL A 125 -6.07 -9.59 -17.02
C VAL A 125 -5.68 -9.84 -15.58
N GLU A 126 -4.38 -9.72 -15.32
CA GLU A 126 -3.86 -9.85 -13.97
C GLU A 126 -4.45 -8.75 -13.11
N ILE A 127 -4.26 -7.51 -13.54
CA ILE A 127 -4.79 -6.35 -12.83
C ILE A 127 -6.32 -6.34 -12.85
N PHE A 128 -6.90 -6.93 -13.89
CA PHE A 128 -8.35 -7.07 -14.00
C PHE A 128 -8.85 -7.94 -12.86
N ASP A 129 -8.13 -9.02 -12.59
CA ASP A 129 -8.51 -9.96 -11.54
C ASP A 129 -8.26 -9.38 -10.16
N MET A 130 -7.29 -8.49 -10.05
CA MET A 130 -6.99 -7.82 -8.80
C MET A 130 -8.11 -6.85 -8.45
N LEU A 131 -8.64 -6.18 -9.47
CA LEU A 131 -9.77 -5.27 -9.30
C LEU A 131 -11.01 -6.05 -8.89
N LEU A 132 -11.22 -7.20 -9.54
CA LEU A 132 -12.34 -8.07 -9.22
C LEU A 132 -12.21 -8.61 -7.81
N ALA A 133 -10.98 -9.00 -7.46
CA ALA A 133 -10.69 -9.46 -6.10
C ALA A 133 -10.93 -8.32 -5.11
N THR A 134 -10.61 -7.11 -5.56
CA THR A 134 -10.84 -5.92 -4.74
C THR A 134 -12.32 -5.58 -4.74
N SER A 135 -13.06 -6.09 -5.72
CA SER A 135 -14.50 -5.84 -5.81
C SER A 135 -15.32 -6.83 -4.97
N SER A 136 -14.75 -8.00 -4.73
CA SER A 136 -15.42 -9.04 -3.95
C SER A 136 -15.26 -8.79 -2.46
N ARG A 137 -14.13 -8.19 -2.08
CA ARG A 137 -13.80 -7.97 -0.67
C ARG A 137 -14.71 -6.95 -0.01
N PHE A 138 -14.97 -5.84 -0.69
CA PHE A 138 -15.91 -4.83 -0.19
C PHE A 138 -17.28 -5.47 -0.01
N ARG A 139 -17.67 -6.25 -1.00
CA ARG A 139 -18.97 -6.92 -1.00
C ARG A 139 -19.07 -7.85 0.20
N MET A 140 -18.00 -8.59 0.46
CA MET A 140 -17.95 -9.47 1.61
C MET A 140 -18.01 -8.68 2.91
N MET A 141 -17.30 -7.56 2.94
CA MET A 141 -17.29 -6.70 4.12
C MET A 141 -18.51 -5.80 4.18
N ASN A 142 -19.31 -5.83 3.12
CA ASN A 142 -20.49 -4.97 3.00
C ASN A 142 -20.13 -3.50 3.15
N LEU A 143 -19.15 -3.06 2.38
CA LEU A 143 -18.64 -1.70 2.44
C LEU A 143 -19.71 -0.67 2.15
N GLN A 144 -19.91 0.26 3.08
CA GLN A 144 -20.90 1.31 2.93
C GLN A 144 -20.30 2.49 2.17
N GLY A 145 -21.16 3.29 1.55
CA GLY A 145 -20.73 4.47 0.83
C GLY A 145 -20.06 5.48 1.72
N GLU A 146 -20.57 5.61 2.95
CA GLU A 146 -19.99 6.51 3.94
C GLU A 146 -18.56 6.11 4.25
N GLU A 147 -18.31 4.81 4.28
CA GLU A 147 -16.98 4.27 4.49
C GLU A 147 -16.11 4.47 3.26
N PHE A 148 -16.72 4.25 2.09
CA PHE A 148 -16.01 4.37 0.81
C PHE A 148 -15.43 5.75 0.57
N VAL A 149 -16.24 6.78 0.80
CA VAL A 149 -15.80 8.15 0.58
C VAL A 149 -14.71 8.55 1.57
N CYS A 150 -14.66 7.85 2.70
CA CYS A 150 -13.63 8.08 3.68
C CYS A 150 -12.31 7.46 3.23
N LEU A 151 -12.37 6.25 2.71
CA LEU A 151 -11.20 5.55 2.20
C LEU A 151 -10.55 6.30 1.04
N LYS A 152 -11.39 6.86 0.17
CA LYS A 152 -10.92 7.55 -1.02
C LYS A 152 -10.22 8.86 -0.65
N SER A 153 -10.75 9.54 0.36
CA SER A 153 -10.15 10.78 0.83
C SER A 153 -8.80 10.52 1.49
N ILE A 154 -8.73 9.41 2.21
CA ILE A 154 -7.49 8.97 2.84
C ILE A 154 -6.41 8.77 1.79
N ILE A 155 -6.75 8.05 0.72
CA ILE A 155 -5.83 7.81 -0.38
C ILE A 155 -5.28 9.11 -0.95
N LEU A 156 -6.17 10.08 -1.14
CA LEU A 156 -5.79 11.39 -1.65
C LEU A 156 -4.77 12.08 -0.76
N LEU A 157 -4.91 11.89 0.55
CA LEU A 157 -4.07 12.57 1.53
C LEU A 157 -2.86 11.75 1.97
N ASN A 158 -2.98 10.42 1.88
CA ASN A 158 -1.93 9.54 2.39
C ASN A 158 -0.86 9.15 1.37
N SER A 159 -1.27 8.94 0.13
CA SER A 159 -0.39 8.36 -0.88
C SER A 159 0.85 9.20 -1.21
N GLY A 160 0.76 10.51 -1.06
CA GLY A 160 1.86 11.38 -1.41
C GLY A 160 2.48 12.11 -0.24
N VAL A 161 2.03 11.79 0.97
CA VAL A 161 2.46 12.53 2.15
C VAL A 161 3.91 12.23 2.56
N TYR A 162 4.37 11.00 2.31
CA TYR A 162 5.74 10.63 2.64
C TYR A 162 6.64 10.75 1.42
N THR A 163 6.25 11.61 0.48
CA THR A 163 7.02 11.83 -0.74
C THR A 163 7.31 13.32 -0.89
N PHE A 164 7.07 14.08 0.17
CA PHE A 164 7.39 15.50 0.20
C PHE A 164 8.88 15.71 0.43
N GLU A 174 6.48 22.10 7.24
CA GLU A 174 5.02 21.96 7.17
C GLU A 174 4.47 21.29 8.41
N LYS A 175 5.17 20.25 8.88
CA LYS A 175 4.77 19.47 10.06
C LYS A 175 3.45 18.72 9.87
N ASP A 176 2.42 19.44 9.41
CA ASP A 176 1.07 18.92 9.13
C ASP A 176 0.35 18.20 10.30
N HIS A 177 -0.98 18.28 10.45
CA HIS A 177 -2.06 18.79 9.56
C HIS A 177 -2.68 17.74 8.63
N ILE A 178 -1.94 17.30 7.62
CA ILE A 178 -2.40 16.20 6.77
C ILE A 178 -2.62 14.98 7.65
N HIS A 179 -1.71 14.75 8.59
CA HIS A 179 -1.87 13.69 9.57
C HIS A 179 -3.04 13.99 10.51
N ARG A 180 -3.26 15.27 10.78
CA ARG A 180 -4.36 15.68 11.65
C ARG A 180 -5.71 15.48 10.99
N VAL A 181 -5.77 15.70 9.68
CA VAL A 181 -6.99 15.45 8.92
C VAL A 181 -7.22 13.95 8.77
N LEU A 182 -6.14 13.21 8.53
CA LEU A 182 -6.21 11.75 8.43
C LEU A 182 -6.75 11.15 9.72
N ASP A 183 -6.31 11.71 10.84
CA ASP A 183 -6.78 11.28 12.16
C ASP A 183 -8.28 11.50 12.30
N LYS A 184 -8.76 12.63 11.78
CA LYS A 184 -10.18 12.95 11.83
C LYS A 184 -10.99 11.98 10.97
N ILE A 185 -10.42 11.57 9.85
CA ILE A 185 -11.09 10.61 8.98
C ILE A 185 -11.10 9.23 9.64
N THR A 186 -10.09 8.97 10.47
CA THR A 186 -10.05 7.75 11.25
C THR A 186 -11.15 7.77 12.31
N ASP A 187 -11.26 8.89 12.99
CA ASP A 187 -12.30 9.08 14.00
C ASP A 187 -13.68 9.00 13.37
N THR A 188 -13.76 9.44 12.11
CA THR A 188 -15.02 9.43 11.38
C THR A 188 -15.42 8.02 10.97
N LEU A 189 -14.46 7.24 10.54
CA LEU A 189 -14.70 5.84 10.18
C LEU A 189 -15.20 5.04 11.38
N ILE A 190 -14.56 5.28 12.54
CA ILE A 190 -14.92 4.59 13.77
C ILE A 190 -16.33 4.98 14.21
N HIS A 191 -16.68 6.24 14.01
CA HIS A 191 -18.02 6.72 14.35
C HIS A 191 -19.08 5.97 13.55
N LEU A 192 -18.82 5.75 12.27
CA LEU A 192 -19.75 5.04 11.40
C LEU A 192 -19.94 3.61 11.86
N MET A 193 -18.86 2.98 12.30
CA MET A 193 -18.89 1.60 12.75
C MET A 193 -19.61 1.48 14.09
N ALA A 194 -19.43 2.49 14.93
CA ALA A 194 -20.11 2.53 16.22
C ALA A 194 -21.58 2.90 16.02
N LYS A 195 -21.86 3.52 14.89
CA LYS A 195 -23.21 3.92 14.52
C LYS A 195 -23.95 2.75 13.90
N ALA A 196 -23.23 1.65 13.67
CA ALA A 196 -23.81 0.47 13.05
C ALA A 196 -23.91 -0.70 14.01
N GLY A 197 -23.53 -0.46 15.27
CA GLY A 197 -23.68 -1.46 16.32
C GLY A 197 -22.58 -2.49 16.35
N LEU A 198 -21.41 -2.12 15.84
CA LEU A 198 -20.25 -3.00 15.92
C LEU A 198 -19.60 -2.86 17.30
N THR A 199 -19.23 -3.98 17.89
CA THR A 199 -18.57 -3.97 19.18
C THR A 199 -17.22 -3.26 19.08
N LEU A 200 -16.67 -2.89 20.22
CA LEU A 200 -15.40 -2.16 20.27
C LEU A 200 -14.29 -2.93 19.56
N GLN A 201 -14.32 -4.25 19.69
CA GLN A 201 -13.35 -5.10 19.02
C GLN A 201 -13.64 -5.19 17.52
N GLN A 202 -14.92 -5.15 17.18
CA GLN A 202 -15.34 -5.24 15.79
C GLN A 202 -14.95 -4.00 15.00
N GLN A 203 -14.78 -2.89 15.71
CA GLN A 203 -14.42 -1.63 15.08
C GLN A 203 -12.97 -1.60 14.65
N HIS A 204 -12.08 -2.00 15.56
CA HIS A 204 -10.65 -2.04 15.28
C HIS A 204 -10.37 -2.96 14.10
N GLN A 205 -10.97 -4.13 14.14
CA GLN A 205 -10.77 -5.14 13.11
C GLN A 205 -11.25 -4.65 11.75
N ARG A 206 -12.43 -4.07 11.70
CA ARG A 206 -12.98 -3.57 10.44
C ARG A 206 -12.13 -2.43 9.89
N LEU A 207 -11.66 -1.57 10.79
CA LEU A 207 -10.79 -0.46 10.42
C LEU A 207 -9.53 -0.99 9.75
N ALA A 208 -8.94 -2.02 10.36
CA ALA A 208 -7.73 -2.62 9.83
C ALA A 208 -7.95 -3.22 8.46
N GLN A 209 -9.02 -3.99 8.33
CA GLN A 209 -9.36 -4.66 7.08
C GLN A 209 -9.52 -3.68 5.92
N LEU A 210 -10.13 -2.53 6.21
CA LEU A 210 -10.34 -1.50 5.20
C LEU A 210 -9.03 -0.87 4.75
N LEU A 211 -8.19 -0.50 5.71
CA LEU A 211 -6.95 0.19 5.43
C LEU A 211 -5.89 -0.70 4.78
N LEU A 212 -6.11 -2.02 4.85
CA LEU A 212 -5.19 -2.96 4.20
C LEU A 212 -5.50 -3.09 2.72
N ILE A 213 -6.74 -2.77 2.35
CA ILE A 213 -7.15 -2.78 0.95
C ILE A 213 -6.38 -1.72 0.19
N LEU A 214 -6.06 -0.63 0.88
CA LEU A 214 -5.34 0.50 0.30
C LEU A 214 -3.95 0.08 -0.18
N SER A 215 -3.36 -0.88 0.51
CA SER A 215 -2.06 -1.42 0.12
C SER A 215 -2.16 -2.13 -1.22
N HIS A 216 -3.29 -2.77 -1.46
CA HIS A 216 -3.53 -3.47 -2.72
C HIS A 216 -3.95 -2.52 -3.83
N ILE A 217 -4.69 -1.47 -3.47
CA ILE A 217 -5.07 -0.44 -4.42
C ILE A 217 -3.83 0.31 -4.88
N ARG A 218 -2.91 0.51 -3.95
CA ARG A 218 -1.63 1.12 -4.26
C ARG A 218 -0.85 0.24 -5.23
N HIS A 219 -0.89 -1.07 -4.99
CA HIS A 219 -0.19 -2.04 -5.82
C HIS A 219 -0.77 -2.06 -7.23
N MET A 220 -2.08 -2.10 -7.33
CA MET A 220 -2.77 -2.10 -8.62
C MET A 220 -2.46 -0.85 -9.42
N SER A 221 -2.36 0.28 -8.72
CA SER A 221 -2.06 1.56 -9.36
C SER A 221 -0.67 1.53 -9.98
N ASN A 222 0.29 0.95 -9.25
CA ASN A 222 1.67 0.88 -9.71
C ASN A 222 1.84 -0.04 -10.92
N LYS A 223 1.10 -1.14 -10.95
CA LYS A 223 1.18 -2.07 -12.06
C LYS A 223 0.45 -1.52 -13.28
N GLY A 224 -0.55 -0.70 -13.04
CA GLY A 224 -1.31 -0.06 -14.11
C GLY A 224 -0.58 1.13 -14.68
N MET A 225 0.06 1.89 -13.80
CA MET A 225 0.88 3.02 -14.21
C MET A 225 2.05 2.51 -15.04
N GLU A 226 2.57 1.36 -14.62
CA GLU A 226 3.67 0.68 -15.30
C GLU A 226 3.30 0.37 -16.75
N HIS A 227 2.06 -0.05 -16.95
CA HIS A 227 1.58 -0.41 -18.28
C HIS A 227 1.30 0.85 -19.11
N LEU A 228 0.93 1.93 -18.43
CA LEU A 228 0.62 3.18 -19.09
C LEU A 228 1.86 3.85 -19.67
N TYR A 229 2.99 3.68 -18.99
CA TYR A 229 4.24 4.26 -19.46
C TYR A 229 4.84 3.43 -20.60
N SER A 230 4.21 2.30 -20.88
CA SER A 230 4.66 1.42 -21.96
C SER A 230 3.99 1.77 -23.28
N MET A 231 2.98 2.64 -23.21
CA MET A 231 2.27 3.07 -24.40
C MET A 231 2.17 4.59 -24.47
N VAL A 237 -2.38 4.02 -28.04
CA VAL A 237 -3.20 5.11 -27.53
C VAL A 237 -2.45 6.43 -27.56
N PRO A 238 -3.06 7.46 -28.17
CA PRO A 238 -2.49 8.81 -28.25
C PRO A 238 -2.31 9.45 -26.87
N LEU A 239 -3.30 9.27 -25.99
CA LEU A 239 -3.31 9.86 -24.65
C LEU A 239 -3.41 11.39 -24.67
N SER A 240 -4.06 11.94 -23.65
CA SER A 240 -4.23 13.39 -23.55
C SER A 240 -3.05 14.03 -22.84
N ASP A 241 -2.94 15.35 -22.95
CA ASP A 241 -1.83 16.08 -22.34
C ASP A 241 -1.96 16.11 -20.83
N LEU A 242 -3.19 16.08 -20.35
CA LEU A 242 -3.45 16.01 -18.91
C LEU A 242 -2.97 14.68 -18.35
N LEU A 243 -3.36 13.59 -19.02
CA LEU A 243 -2.94 12.25 -18.62
C LEU A 243 -1.42 12.11 -18.67
N LEU A 244 -0.80 12.80 -19.62
CA LEU A 244 0.65 12.77 -19.78
C LEU A 244 1.35 13.41 -18.59
N GLU A 245 0.77 14.47 -18.06
CA GLU A 245 1.33 15.16 -16.90
C GLU A 245 1.17 14.33 -15.64
N MET A 246 0.06 13.61 -15.54
CA MET A 246 -0.19 12.74 -14.40
C MET A 246 0.69 11.50 -14.49
N LEU A 247 1.15 11.22 -15.71
CA LEU A 247 1.98 10.04 -15.96
C LEU A 247 3.46 10.37 -15.84
N ASP A 248 3.84 11.59 -16.18
CA ASP A 248 5.23 12.03 -16.08
C ASP A 248 5.61 12.37 -14.64
N ALA A 249 4.68 12.19 -13.73
CA ALA A 249 4.94 12.38 -12.31
C ALA A 249 5.53 11.10 -11.71
N HIS A 250 5.11 9.96 -12.25
CA HIS A 250 5.64 8.67 -11.84
C HIS A 250 6.87 8.28 -12.66
N ARG A 251 7.66 9.29 -13.02
CA ARG A 251 8.86 9.07 -13.82
C ARG A 251 9.83 10.23 -13.68
N ALA B 10 -2.58 -20.96 16.37
CA ALA B 10 -2.53 -19.55 16.02
C ALA B 10 -3.74 -18.80 16.56
N LEU B 11 -4.93 -19.27 16.20
CA LEU B 11 -6.18 -18.63 16.60
C LEU B 11 -6.43 -18.78 18.10
N SER B 12 -5.64 -19.63 18.74
CA SER B 12 -5.80 -19.89 20.17
C SER B 12 -4.79 -19.08 20.99
N LEU B 13 -3.82 -18.50 20.30
CA LEU B 13 -2.81 -17.67 20.95
C LEU B 13 -3.41 -16.36 21.46
N THR B 14 -3.04 -15.98 22.68
CA THR B 14 -3.46 -14.70 23.21
C THR B 14 -2.57 -13.60 22.64
N ALA B 15 -2.76 -12.38 23.13
CA ALA B 15 -1.99 -11.24 22.62
C ALA B 15 -0.52 -11.31 23.04
N ASP B 16 -0.29 -11.62 24.33
CA ASP B 16 1.06 -11.70 24.85
C ASP B 16 1.83 -12.89 24.26
N GLN B 17 1.10 -13.95 23.94
CA GLN B 17 1.71 -15.12 23.32
C GLN B 17 1.97 -14.88 21.84
N MET B 18 1.24 -13.93 21.27
CA MET B 18 1.46 -13.54 19.88
C MET B 18 2.75 -12.74 19.77
N VAL B 19 2.88 -11.71 20.61
CA VAL B 19 4.05 -10.85 20.63
C VAL B 19 5.32 -11.64 20.93
N SER B 20 5.24 -12.50 21.95
CA SER B 20 6.38 -13.30 22.36
C SER B 20 6.83 -14.24 21.25
N ALA B 21 5.88 -14.89 20.60
CA ALA B 21 6.18 -15.78 19.48
C ALA B 21 6.81 -15.02 18.32
N LEU B 22 6.27 -13.83 18.05
CA LEU B 22 6.80 -12.98 16.98
C LEU B 22 8.22 -12.50 17.29
N LEU B 23 8.41 -11.99 18.51
CA LEU B 23 9.71 -11.51 18.95
C LEU B 23 10.76 -12.61 18.96
N ASP B 24 10.33 -13.83 19.27
CA ASP B 24 11.24 -14.96 19.33
C ASP B 24 11.58 -15.46 17.93
N ALA B 25 10.76 -15.06 16.96
CA ALA B 25 10.94 -15.49 15.58
C ALA B 25 11.83 -14.51 14.82
N GLU B 26 12.18 -13.42 15.47
CA GLU B 26 12.98 -12.37 14.85
C GLU B 26 14.29 -12.87 14.26
N PRO B 27 14.49 -12.64 12.96
CA PRO B 27 15.75 -12.98 12.29
C PRO B 27 16.86 -12.09 12.81
N PRO B 28 18.11 -12.53 12.68
CA PRO B 28 19.22 -11.68 13.11
C PRO B 28 19.46 -10.55 12.11
N ILE B 29 20.33 -9.63 12.47
CA ILE B 29 20.77 -8.61 11.54
C ILE B 29 22.10 -9.05 10.93
N LEU B 30 22.10 -9.24 9.62
CA LEU B 30 23.27 -9.75 8.92
C LEU B 30 24.25 -8.64 8.58
N TYR B 31 25.51 -9.01 8.43
CA TYR B 31 26.55 -8.07 8.06
C TYR B 31 26.79 -8.08 6.56
N SER B 32 27.48 -7.06 6.07
CA SER B 32 27.78 -6.93 4.65
C SER B 32 29.24 -7.27 4.37
N GLU B 33 29.52 -7.58 3.11
CA GLU B 33 30.91 -7.78 2.67
C GLU B 33 31.50 -6.44 2.25
N TYR B 34 31.13 -5.40 2.99
CA TYR B 34 31.53 -4.03 2.68
C TYR B 34 32.94 -3.72 3.15
N ASP B 35 33.79 -3.33 2.22
CA ASP B 35 35.14 -2.90 2.54
C ASP B 35 35.23 -1.38 2.45
N PRO B 36 35.31 -0.71 3.60
CA PRO B 36 35.30 0.76 3.70
C PRO B 36 36.48 1.42 3.00
N THR B 37 37.45 0.63 2.56
CA THR B 37 38.61 1.16 1.85
C THR B 37 38.36 1.16 0.34
N ARG B 38 37.10 1.21 -0.05
CA ARG B 38 36.72 1.22 -1.46
C ARG B 38 35.47 2.06 -1.71
N PRO B 39 35.68 3.33 -2.09
CA PRO B 39 34.60 4.24 -2.51
C PRO B 39 33.66 3.55 -3.48
N PHE B 40 32.45 3.27 -3.03
CA PHE B 40 31.51 2.46 -3.79
C PHE B 40 31.10 3.07 -5.12
N SER B 41 30.79 2.20 -6.08
CA SER B 41 30.25 2.62 -7.36
C SER B 41 28.77 2.23 -7.39
N GLU B 42 28.19 2.23 -8.59
CA GLU B 42 26.79 1.82 -8.74
C GLU B 42 26.68 0.30 -8.80
N ALA B 43 27.73 -0.34 -9.30
CA ALA B 43 27.75 -1.79 -9.42
C ALA B 43 28.28 -2.44 -8.15
N SER B 44 29.19 -1.73 -7.48
CA SER B 44 29.79 -2.22 -6.25
C SER B 44 28.77 -2.26 -5.13
N MET B 45 28.19 -1.10 -4.82
CA MET B 45 27.26 -0.96 -3.72
C MET B 45 26.00 -1.81 -3.92
N MET B 46 25.51 -1.86 -5.15
CA MET B 46 24.33 -2.68 -5.46
C MET B 46 24.65 -4.16 -5.43
N GLY B 47 25.93 -4.50 -5.55
CA GLY B 47 26.37 -5.88 -5.44
C GLY B 47 26.32 -6.32 -3.99
N LEU B 48 26.70 -5.42 -3.10
CA LEU B 48 26.65 -5.67 -1.66
C LEU B 48 25.21 -5.88 -1.21
N LEU B 49 24.31 -5.09 -1.78
CA LEU B 49 22.90 -5.13 -1.40
C LEU B 49 22.21 -6.41 -1.86
N THR B 50 22.55 -6.88 -3.05
CA THR B 50 21.98 -8.12 -3.57
C THR B 50 22.48 -9.31 -2.76
N ASN B 51 23.78 -9.33 -2.48
CA ASN B 51 24.39 -10.37 -1.67
C ASN B 51 23.81 -10.42 -0.26
N LEU B 52 23.52 -9.24 0.29
CA LEU B 52 22.95 -9.14 1.62
C LEU B 52 21.49 -9.60 1.64
N ALA B 53 20.73 -9.16 0.65
CA ALA B 53 19.32 -9.54 0.53
C ALA B 53 19.18 -11.03 0.26
N ASP B 54 20.14 -11.58 -0.47
CA ASP B 54 20.13 -13.01 -0.80
C ASP B 54 20.31 -13.86 0.44
N ARG B 55 21.13 -13.39 1.36
CA ARG B 55 21.35 -14.10 2.61
C ARG B 55 20.21 -13.83 3.59
N GLU B 56 19.61 -12.65 3.48
CA GLU B 56 18.49 -12.30 4.34
C GLU B 56 17.24 -13.10 4.00
N LEU B 57 17.09 -13.44 2.72
CA LEU B 57 15.92 -14.19 2.26
C LEU B 57 15.79 -15.52 2.97
N VAL B 58 16.91 -16.22 3.14
CA VAL B 58 16.91 -17.53 3.79
C VAL B 58 16.38 -17.43 5.22
N HIS B 59 16.75 -16.37 5.92
CA HIS B 59 16.27 -16.16 7.28
C HIS B 59 14.80 -15.76 7.31
N MET B 60 14.37 -15.02 6.30
CA MET B 60 12.98 -14.58 6.21
C MET B 60 12.06 -15.77 5.97
N ILE B 61 12.53 -16.71 5.16
CA ILE B 61 11.77 -17.91 4.83
C ILE B 61 11.51 -18.76 6.07
N ASN B 62 12.53 -18.87 6.92
CA ASN B 62 12.38 -19.62 8.17
C ASN B 62 11.70 -18.79 9.26
N TRP B 63 11.73 -17.47 9.11
CA TRP B 63 10.99 -16.58 10.01
C TRP B 63 9.51 -16.71 9.72
N ALA B 64 9.18 -16.88 8.44
CA ALA B 64 7.79 -17.00 8.00
C ALA B 64 7.13 -18.23 8.59
N LYS B 65 7.88 -19.33 8.63
CA LYS B 65 7.37 -20.59 9.18
C LYS B 65 7.10 -20.46 10.69
N ARG B 66 7.70 -19.47 11.31
CA ARG B 66 7.50 -19.23 12.74
C ARG B 66 6.44 -18.15 12.98
N VAL B 67 5.84 -17.66 11.89
CA VAL B 67 4.75 -16.71 12.00
C VAL B 67 3.43 -17.46 12.16
N PRO B 68 2.68 -17.15 13.22
CA PRO B 68 1.42 -17.82 13.57
C PRO B 68 0.45 -17.92 12.40
N GLY B 69 0.15 -19.15 11.98
CA GLY B 69 -0.85 -19.40 10.96
C GLY B 69 -0.26 -19.66 9.58
N PHE B 70 1.00 -19.30 9.42
CA PHE B 70 1.67 -19.42 8.12
C PHE B 70 1.87 -20.88 7.73
N VAL B 71 2.15 -21.73 8.71
CA VAL B 71 2.37 -23.15 8.45
C VAL B 71 1.07 -23.88 8.12
N ASP B 72 -0.04 -23.34 8.63
CA ASP B 72 -1.35 -23.93 8.39
C ASP B 72 -1.75 -23.86 6.91
N LEU B 73 -1.12 -22.95 6.19
CA LEU B 73 -1.41 -22.76 4.77
C LEU B 73 -0.73 -23.80 3.90
N THR B 74 -1.27 -24.00 2.71
CA THR B 74 -0.70 -24.92 1.73
C THR B 74 0.68 -24.45 1.31
N LEU B 75 1.48 -25.36 0.79
CA LEU B 75 2.81 -25.02 0.29
C LEU B 75 2.70 -24.07 -0.89
N HIS B 76 1.56 -24.14 -1.58
CA HIS B 76 1.33 -23.29 -2.76
C HIS B 76 1.14 -21.83 -2.36
N ASP B 77 0.40 -21.61 -1.29
CA ASP B 77 0.05 -20.27 -0.86
C ASP B 77 1.19 -19.55 -0.13
N GLN B 78 2.02 -20.33 0.55
CA GLN B 78 3.17 -19.78 1.26
C GLN B 78 4.14 -19.17 0.27
N VAL B 79 4.42 -19.90 -0.81
CA VAL B 79 5.29 -19.43 -1.87
C VAL B 79 4.76 -18.13 -2.45
N HIS B 80 3.44 -18.06 -2.61
CA HIS B 80 2.79 -16.89 -3.20
C HIS B 80 2.93 -15.66 -2.31
N LEU B 81 2.69 -15.85 -1.01
CA LEU B 81 2.76 -14.74 -0.05
C LEU B 81 4.16 -14.15 0.05
N LEU B 82 5.18 -15.00 -0.05
CA LEU B 82 6.57 -14.54 0.06
C LEU B 82 7.04 -13.87 -1.22
N GLU B 83 6.61 -14.39 -2.37
CA GLU B 83 7.00 -13.84 -3.65
C GLU B 83 6.50 -12.42 -3.82
N CYS B 84 5.37 -12.11 -3.18
CA CYS B 84 4.74 -10.80 -3.31
C CYS B 84 5.26 -9.81 -2.27
N ALA B 85 5.69 -10.32 -1.11
CA ALA B 85 5.99 -9.45 0.02
C ALA B 85 7.44 -9.46 0.50
N TRP B 86 8.31 -10.22 -0.19
CA TRP B 86 9.69 -10.36 0.28
C TRP B 86 10.44 -9.04 0.34
N LEU B 87 10.23 -8.18 -0.65
CA LEU B 87 10.91 -6.89 -0.69
C LEU B 87 10.31 -5.91 0.31
N GLU B 88 9.01 -6.06 0.58
CA GLU B 88 8.36 -5.23 1.59
C GLU B 88 8.89 -5.52 2.98
N ILE B 89 9.13 -6.80 3.25
CA ILE B 89 9.62 -7.23 4.55
C ILE B 89 11.09 -6.84 4.73
N LEU B 90 11.85 -6.90 3.65
CA LEU B 90 13.23 -6.43 3.67
C LEU B 90 13.29 -4.93 3.91
N MET B 91 12.39 -4.21 3.25
CA MET B 91 12.36 -2.75 3.33
C MET B 91 11.94 -2.22 4.69
N ILE B 92 10.88 -2.81 5.25
CA ILE B 92 10.42 -2.38 6.57
C ILE B 92 11.44 -2.77 7.63
N GLY B 93 12.19 -3.83 7.35
CA GLY B 93 13.26 -4.26 8.25
C GLY B 93 14.41 -3.27 8.19
N LEU B 94 14.73 -2.84 6.97
CA LEU B 94 15.74 -1.80 6.77
C LEU B 94 15.34 -0.51 7.46
N VAL B 95 14.07 -0.11 7.29
CA VAL B 95 13.54 1.09 7.90
C VAL B 95 13.61 1.01 9.43
N TRP B 96 13.31 -0.17 9.96
CA TRP B 96 13.34 -0.40 11.41
C TRP B 96 14.74 -0.25 11.99
N ARG B 97 15.74 -0.80 11.29
CA ARG B 97 17.12 -0.71 11.73
C ARG B 97 17.62 0.72 11.70
N SER B 98 17.10 1.50 10.75
CA SER B 98 17.60 2.84 10.49
C SER B 98 16.90 3.92 11.31
N MET B 99 16.02 3.49 12.20
CA MET B 99 15.18 4.40 12.97
C MET B 99 15.99 5.39 13.81
N GLU B 100 17.01 4.89 14.49
CA GLU B 100 17.85 5.72 15.36
C GLU B 100 19.06 6.31 14.63
N HIS B 101 18.99 6.32 13.30
CA HIS B 101 20.05 6.91 12.50
C HIS B 101 19.47 7.88 11.48
N PRO B 102 19.11 9.09 11.94
CA PRO B 102 18.49 10.12 11.11
C PRO B 102 19.33 10.49 9.89
N GLY B 103 18.67 10.57 8.73
CA GLY B 103 19.35 10.93 7.50
C GLY B 103 20.18 9.79 6.92
N LYS B 104 20.19 8.67 7.63
CA LYS B 104 21.00 7.52 7.23
C LYS B 104 20.15 6.27 7.09
N LEU B 105 20.56 5.38 6.21
CA LEU B 105 19.94 4.07 6.07
C LEU B 105 20.93 2.98 6.47
N LEU B 106 20.59 2.26 7.53
CA LEU B 106 21.47 1.22 8.05
C LEU B 106 21.18 -0.13 7.39
N PHE B 107 21.73 -0.35 6.21
CA PHE B 107 21.57 -1.61 5.49
C PHE B 107 22.19 -2.76 6.27
N ALA B 108 23.30 -2.45 6.94
CA ALA B 108 23.99 -3.42 7.76
C ALA B 108 24.79 -2.64 8.81
N PRO B 109 25.11 -3.28 9.96
CA PRO B 109 25.88 -2.60 11.00
C PRO B 109 27.20 -2.04 10.48
N ASN B 110 27.77 -2.69 9.47
CA ASN B 110 28.99 -2.21 8.85
C ASN B 110 28.71 -1.41 7.58
N LEU B 111 27.43 -1.23 7.27
CA LEU B 111 27.04 -0.51 6.06
C LEU B 111 25.99 0.56 6.36
N LEU B 112 26.45 1.78 6.58
CA LEU B 112 25.57 2.89 6.94
C LEU B 112 25.69 4.03 5.93
N LEU B 113 24.67 4.19 5.09
CA LEU B 113 24.72 5.19 4.03
C LEU B 113 23.70 6.31 4.21
N ASP B 114 24.05 7.49 3.72
CA ASP B 114 23.14 8.63 3.72
C ASP B 114 22.84 9.06 2.28
N ARG B 115 21.96 10.05 2.14
CA ARG B 115 21.50 10.49 0.82
C ARG B 115 22.64 10.98 -0.08
N ASN B 116 23.65 11.61 0.53
CA ASN B 116 24.80 12.10 -0.21
C ASN B 116 25.58 10.95 -0.84
N GLN B 117 25.94 9.98 -0.01
CA GLN B 117 26.63 8.78 -0.49
C GLN B 117 25.68 7.93 -1.31
N GLY B 118 24.41 7.92 -0.91
CA GLY B 118 23.39 7.12 -1.57
C GLY B 118 23.37 7.32 -3.08
N LYS B 119 22.95 6.28 -3.78
CA LYS B 119 22.97 6.26 -5.25
C LYS B 119 24.41 6.39 -5.76
N CYS B 120 25.31 5.64 -5.15
CA CYS B 120 26.72 5.61 -5.56
C CYS B 120 26.86 5.12 -7.00
N MET B 124 17.60 6.34 -8.05
CA MET B 124 18.11 5.61 -6.90
C MET B 124 18.07 6.49 -5.65
N VAL B 125 18.07 7.80 -5.86
CA VAL B 125 18.00 8.75 -4.76
C VAL B 125 16.54 8.97 -4.33
N GLU B 126 15.63 8.73 -5.26
CA GLU B 126 14.20 8.88 -4.98
C GLU B 126 13.76 7.88 -3.93
N ILE B 127 14.12 6.61 -4.15
CA ILE B 127 13.71 5.53 -3.26
C ILE B 127 14.45 5.62 -1.92
N PHE B 128 15.62 6.25 -1.94
CA PHE B 128 16.39 6.49 -0.72
C PHE B 128 15.62 7.42 0.20
N ASP B 129 15.11 8.51 -0.36
CA ASP B 129 14.40 9.52 0.40
C ASP B 129 13.10 8.99 0.99
N MET B 130 12.47 8.09 0.25
CA MET B 130 11.21 7.48 0.69
C MET B 130 11.44 6.60 1.91
N LEU B 131 12.53 5.83 1.87
CA LEU B 131 12.89 4.97 2.99
C LEU B 131 13.27 5.80 4.21
N LEU B 132 13.91 6.94 3.96
CA LEU B 132 14.29 7.85 5.03
C LEU B 132 13.07 8.50 5.65
N ALA B 133 12.11 8.88 4.81
CA ALA B 133 10.88 9.48 5.26
C ALA B 133 10.09 8.51 6.13
N THR B 134 10.05 7.25 5.69
CA THR B 134 9.36 6.20 6.42
C THR B 134 10.02 5.97 7.78
N SER B 135 11.34 6.04 7.81
CA SER B 135 12.09 5.82 9.04
C SER B 135 11.90 6.99 10.01
N SER B 136 11.77 8.19 9.46
CA SER B 136 11.53 9.38 10.25
C SER B 136 10.13 9.30 10.85
N ARG B 137 9.22 8.70 10.08
CA ARG B 137 7.84 8.50 10.53
C ARG B 137 7.79 7.59 11.75
N PHE B 138 8.49 6.46 11.67
CA PHE B 138 8.56 5.54 12.80
C PHE B 138 9.18 6.21 14.01
N ARG B 139 10.18 7.04 13.76
CA ARG B 139 10.87 7.78 14.82
C ARG B 139 9.92 8.77 15.48
N MET B 140 9.20 9.52 14.65
CA MET B 140 8.24 10.50 15.13
C MET B 140 7.10 9.84 15.89
N MET B 141 6.72 8.64 15.45
CA MET B 141 5.64 7.90 16.10
C MET B 141 6.13 7.09 17.28
N ASN B 142 7.46 7.04 17.44
CA ASN B 142 8.10 6.20 18.45
C ASN B 142 7.63 4.75 18.35
N LEU B 143 7.89 4.15 17.20
CA LEU B 143 7.46 2.78 16.95
C LEU B 143 8.16 1.81 17.89
N GLN B 144 7.38 0.89 18.45
CA GLN B 144 7.91 -0.11 19.36
C GLN B 144 8.19 -1.41 18.63
N GLY B 145 9.15 -2.18 19.15
CA GLY B 145 9.54 -3.44 18.55
C GLY B 145 8.39 -4.42 18.49
N GLU B 146 7.51 -4.36 19.49
CA GLU B 146 6.33 -5.22 19.52
C GLU B 146 5.34 -4.82 18.43
N GLU B 147 5.32 -3.53 18.09
CA GLU B 147 4.48 -3.03 17.02
C GLU B 147 5.07 -3.37 15.66
N PHE B 148 6.40 -3.32 15.57
CA PHE B 148 7.11 -3.61 14.33
C PHE B 148 6.92 -5.04 13.87
N VAL B 149 7.10 -5.98 14.79
CA VAL B 149 6.96 -7.41 14.47
C VAL B 149 5.54 -7.74 14.07
N CYS B 150 4.58 -6.96 14.56
CA CYS B 150 3.19 -7.12 14.18
C CYS B 150 2.96 -6.67 12.75
N LEU B 151 3.40 -5.45 12.43
CA LEU B 151 3.27 -4.89 11.09
C LEU B 151 3.93 -5.77 10.03
N LYS B 152 5.10 -6.29 10.36
CA LYS B 152 5.87 -7.11 9.42
C LYS B 152 5.14 -8.42 9.11
N SER B 153 4.48 -8.97 10.12
CA SER B 153 3.71 -10.19 9.96
C SER B 153 2.47 -9.92 9.11
N ILE B 154 1.87 -8.76 9.33
CA ILE B 154 0.71 -8.33 8.57
C ILE B 154 1.03 -8.25 7.08
N ILE B 155 2.18 -7.66 6.76
CA ILE B 155 2.64 -7.52 5.38
C ILE B 155 2.73 -8.88 4.70
N LEU B 156 3.30 -9.84 5.41
CA LEU B 156 3.44 -11.20 4.90
C LEU B 156 2.09 -11.82 4.57
N LEU B 157 1.09 -11.54 5.39
CA LEU B 157 -0.22 -12.17 5.26
C LEU B 157 -1.20 -11.37 4.42
N ASN B 158 -0.98 -10.05 4.33
CA ASN B 158 -1.93 -9.19 3.62
C ASN B 158 -1.56 -8.91 2.17
N SER B 159 -0.27 -8.82 1.88
CA SER B 159 0.18 -8.39 0.56
C SER B 159 -0.22 -9.32 -0.59
N GLY B 160 -0.34 -10.62 -0.30
CA GLY B 160 -0.64 -11.58 -1.34
C GLY B 160 -1.97 -12.28 -1.18
N VAL B 161 -2.80 -11.79 -0.27
CA VAL B 161 -4.07 -12.45 0.02
C VAL B 161 -5.14 -12.18 -1.05
N TYR B 162 -5.13 -10.99 -1.63
CA TYR B 162 -6.08 -10.65 -2.68
C TYR B 162 -5.47 -10.91 -4.05
N THR B 163 -4.66 -11.96 -4.13
CA THR B 163 -4.01 -12.31 -5.39
C THR B 163 -4.05 -13.83 -5.58
N PHE B 164 -5.00 -14.46 -4.91
CA PHE B 164 -5.21 -15.90 -5.05
C PHE B 164 -6.20 -16.19 -6.18
N LEU B 172 -14.52 -22.17 -2.71
CA LEU B 172 -13.27 -22.88 -2.94
C LEU B 172 -12.10 -22.12 -2.32
N GLU B 173 -11.16 -22.87 -1.77
CA GLU B 173 -9.94 -22.33 -1.15
C GLU B 173 -10.21 -21.54 0.13
N GLU B 174 -9.19 -21.47 0.97
CA GLU B 174 -9.33 -20.92 2.32
C GLU B 174 -8.55 -19.62 2.50
N LYS B 175 -9.23 -18.50 2.31
CA LYS B 175 -8.64 -17.20 2.55
C LYS B 175 -9.16 -16.62 3.85
N ASP B 176 -10.26 -17.18 4.35
CA ASP B 176 -10.91 -16.68 5.55
C ASP B 176 -10.03 -16.85 6.78
N HIS B 177 -9.23 -17.90 6.79
CA HIS B 177 -8.34 -18.17 7.92
C HIS B 177 -7.28 -17.09 8.06
N ILE B 178 -6.79 -16.61 6.92
CA ILE B 178 -5.78 -15.56 6.90
C ILE B 178 -6.33 -14.27 7.52
N HIS B 179 -7.59 -13.98 7.26
CA HIS B 179 -8.24 -12.81 7.83
C HIS B 179 -8.40 -12.96 9.34
N ARG B 180 -8.61 -14.21 9.78
CA ARG B 180 -8.77 -14.48 11.20
C ARG B 180 -7.46 -14.24 11.95
N VAL B 181 -6.35 -14.55 11.30
CA VAL B 181 -5.04 -14.28 11.87
C VAL B 181 -4.78 -12.78 11.91
N LEU B 182 -5.06 -12.12 10.79
CA LEU B 182 -4.89 -10.67 10.67
C LEU B 182 -5.68 -9.93 11.74
N ASP B 183 -6.90 -10.41 12.00
CA ASP B 183 -7.77 -9.80 12.99
C ASP B 183 -7.17 -9.92 14.38
N LYS B 184 -6.50 -11.04 14.64
CA LYS B 184 -5.86 -11.24 15.94
C LYS B 184 -4.65 -10.35 16.12
N ILE B 185 -3.92 -10.13 15.04
CA ILE B 185 -2.77 -9.23 15.08
C ILE B 185 -3.26 -7.79 15.27
N THR B 186 -4.45 -7.52 14.76
CA THR B 186 -5.09 -6.23 14.97
C THR B 186 -5.42 -6.06 16.44
N ASP B 187 -5.99 -7.10 17.04
CA ASP B 187 -6.29 -7.11 18.46
C ASP B 187 -5.00 -6.95 19.26
N THR B 188 -3.98 -7.70 18.84
CA THR B 188 -2.67 -7.67 19.47
C THR B 188 -2.08 -6.26 19.44
N LEU B 189 -2.21 -5.60 18.29
CA LEU B 189 -1.74 -4.22 18.16
C LEU B 189 -2.49 -3.29 19.10
N ILE B 190 -3.80 -3.50 19.20
CA ILE B 190 -4.64 -2.69 20.07
C ILE B 190 -4.27 -2.91 21.54
N HIS B 191 -4.03 -4.16 21.89
CA HIS B 191 -3.68 -4.52 23.26
C HIS B 191 -2.39 -3.83 23.72
N LEU B 192 -1.43 -3.73 22.81
CA LEU B 192 -0.15 -3.08 23.12
C LEU B 192 -0.35 -1.60 23.40
N MET B 193 -1.17 -0.95 22.57
CA MET B 193 -1.45 0.47 22.72
C MET B 193 -2.25 0.73 23.99
N ALA B 194 -3.13 -0.20 24.33
CA ALA B 194 -3.93 -0.10 25.53
C ALA B 194 -3.04 -0.28 26.76
N LYS B 195 -2.10 -1.23 26.67
CA LYS B 195 -1.17 -1.49 27.75
C LYS B 195 -0.08 -0.43 27.82
N ALA B 196 -0.19 0.59 26.97
CA ALA B 196 0.74 1.70 26.96
C ALA B 196 0.08 2.96 27.53
N GLY B 197 -1.23 2.88 27.75
CA GLY B 197 -1.97 3.95 28.37
C GLY B 197 -2.59 4.93 27.39
N LEU B 198 -2.71 4.53 26.13
CA LEU B 198 -3.34 5.36 25.12
C LEU B 198 -4.85 5.28 25.24
N THR B 199 -5.53 6.41 25.00
CA THR B 199 -6.98 6.45 25.08
C THR B 199 -7.59 5.65 23.93
N LEU B 200 -8.89 5.40 24.02
CA LEU B 200 -9.60 4.60 23.04
C LEU B 200 -9.54 5.23 21.66
N GLN B 201 -9.50 6.56 21.62
CA GLN B 201 -9.38 7.28 20.36
C GLN B 201 -7.96 7.21 19.84
N GLN B 202 -7.00 7.31 20.76
CA GLN B 202 -5.59 7.27 20.43
C GLN B 202 -5.18 5.92 19.84
N GLN B 203 -5.82 4.86 20.30
CA GLN B 203 -5.54 3.52 19.80
C GLN B 203 -5.99 3.37 18.36
N HIS B 204 -7.11 4.01 18.01
CA HIS B 204 -7.65 3.94 16.66
C HIS B 204 -6.75 4.71 15.70
N GLN B 205 -6.42 5.93 16.08
CA GLN B 205 -5.62 6.81 15.23
C GLN B 205 -4.24 6.23 14.96
N ARG B 206 -3.59 5.70 16.00
CA ARG B 206 -2.27 5.10 15.85
C ARG B 206 -2.32 3.85 14.99
N LEU B 207 -3.36 3.04 15.17
CA LEU B 207 -3.56 1.83 14.38
C LEU B 207 -3.67 2.17 12.90
N ALA B 208 -4.38 3.26 12.61
CA ALA B 208 -4.56 3.72 11.24
C ALA B 208 -3.25 4.28 10.69
N GLN B 209 -2.52 5.00 11.53
CA GLN B 209 -1.24 5.58 11.14
C GLN B 209 -0.24 4.49 10.76
N LEU B 210 -0.27 3.39 11.49
CA LEU B 210 0.64 2.27 11.24
C LEU B 210 0.34 1.58 9.91
N LEU B 211 -0.94 1.26 9.70
CA LEU B 211 -1.35 0.52 8.52
C LEU B 211 -1.24 1.34 7.24
N LEU B 212 -1.31 2.65 7.38
CA LEU B 212 -1.15 3.55 6.24
C LEU B 212 0.29 3.55 5.76
N ILE B 213 1.22 3.26 6.66
CA ILE B 213 2.63 3.16 6.32
C ILE B 213 2.85 2.01 5.36
N LEU B 214 2.06 0.96 5.54
CA LEU B 214 2.15 -0.24 4.71
C LEU B 214 1.84 0.06 3.25
N SER B 215 1.02 1.08 3.03
CA SER B 215 0.69 1.51 1.68
C SER B 215 1.92 2.07 0.97
N HIS B 216 2.71 2.85 1.71
CA HIS B 216 3.94 3.41 1.17
C HIS B 216 5.05 2.37 1.08
N ILE B 217 5.02 1.40 2.00
CA ILE B 217 5.97 0.29 1.98
C ILE B 217 5.73 -0.53 0.72
N ARG B 218 4.46 -0.69 0.37
CA ARG B 218 4.08 -1.35 -0.86
C ARG B 218 4.58 -0.57 -2.07
N HIS B 219 4.48 0.76 -1.99
CA HIS B 219 4.90 1.62 -3.08
C HIS B 219 6.40 1.52 -3.32
N MET B 220 7.19 1.58 -2.25
CA MET B 220 8.64 1.48 -2.35
C MET B 220 9.07 0.14 -2.90
N SER B 221 8.37 -0.92 -2.50
CA SER B 221 8.68 -2.27 -2.97
C SER B 221 8.40 -2.40 -4.46
N ASN B 222 7.35 -1.74 -4.93
CA ASN B 222 7.00 -1.78 -6.35
C ASN B 222 8.00 -1.03 -7.21
N LYS B 223 8.39 0.16 -6.76
CA LYS B 223 9.36 0.98 -7.48
C LYS B 223 10.74 0.31 -7.45
N GLY B 224 11.02 -0.40 -6.37
CA GLY B 224 12.27 -1.11 -6.24
C GLY B 224 12.31 -2.34 -7.14
N MET B 225 11.23 -3.11 -7.12
CA MET B 225 11.10 -4.28 -7.98
C MET B 225 11.21 -3.86 -9.44
N GLU B 226 10.66 -2.68 -9.74
CA GLU B 226 10.69 -2.11 -11.08
C GLU B 226 12.11 -1.80 -11.53
N HIS B 227 12.97 -1.51 -10.56
CA HIS B 227 14.36 -1.19 -10.82
C HIS B 227 15.21 -2.46 -10.80
N LEU B 228 14.66 -3.51 -10.20
CA LEU B 228 15.38 -4.76 -10.04
C LEU B 228 15.38 -5.59 -11.33
N TYR B 229 14.30 -5.49 -12.10
CA TYR B 229 14.26 -6.15 -13.41
C TYR B 229 14.58 -5.16 -14.54
N SER B 230 15.04 -3.97 -14.16
CA SER B 230 15.50 -2.99 -15.13
C SER B 230 16.95 -3.27 -15.48
N MET B 231 17.64 -3.93 -14.56
CA MET B 231 19.07 -4.22 -14.72
C MET B 231 19.30 -5.72 -14.90
N LYS B 232 18.24 -6.45 -15.19
CA LYS B 232 18.32 -7.89 -15.37
C LYS B 232 18.98 -8.25 -16.69
N PRO B 238 24.17 -8.37 -11.40
CA PRO B 238 23.68 -8.43 -10.01
C PRO B 238 22.44 -9.31 -9.90
N LEU B 239 22.66 -10.62 -9.77
CA LEU B 239 21.54 -11.55 -9.75
C LEU B 239 21.92 -12.91 -9.19
N SER B 240 21.35 -13.27 -8.04
CA SER B 240 21.54 -14.58 -7.46
C SER B 240 20.41 -15.51 -7.88
N ASP B 241 20.50 -16.77 -7.49
CA ASP B 241 19.56 -17.79 -7.94
C ASP B 241 18.20 -17.70 -7.27
N LEU B 242 18.18 -17.23 -6.02
CA LEU B 242 16.93 -17.14 -5.27
C LEU B 242 16.18 -15.84 -5.58
N LEU B 243 16.92 -14.78 -5.88
CA LEU B 243 16.32 -13.50 -6.22
C LEU B 243 15.61 -13.57 -7.57
N LEU B 244 16.25 -14.23 -8.53
CA LEU B 244 15.69 -14.35 -9.88
C LEU B 244 14.41 -15.16 -9.91
N GLU B 245 14.26 -16.07 -8.95
CA GLU B 245 13.04 -16.87 -8.85
C GLU B 245 11.92 -16.07 -8.20
N MET B 246 12.23 -14.85 -7.77
CA MET B 246 11.23 -13.97 -7.18
C MET B 246 11.12 -12.67 -7.97
N LEU B 247 12.11 -12.42 -8.83
CA LEU B 247 12.05 -11.27 -9.72
C LEU B 247 11.14 -11.57 -10.91
N ASP B 248 10.96 -12.84 -11.21
CA ASP B 248 10.03 -13.26 -12.26
C ASP B 248 8.63 -13.40 -11.67
N ALA B 249 8.56 -13.39 -10.34
CA ALA B 249 7.28 -13.48 -9.65
C ALA B 249 6.46 -12.22 -9.87
N HIS B 250 7.15 -11.14 -10.22
CA HIS B 250 6.50 -9.88 -10.57
C HIS B 250 6.71 -9.58 -12.05
N ARG B 251 6.55 -10.60 -12.88
CA ARG B 251 6.72 -10.46 -14.32
C ARG B 251 6.04 -11.60 -15.06
N LYS C 3 1.92 23.53 -16.09
CA LYS C 3 1.20 22.30 -15.82
C LYS C 3 -0.31 22.54 -15.78
N ILE C 4 -1.04 21.75 -16.56
CA ILE C 4 -2.50 21.88 -16.66
C ILE C 4 -3.17 21.73 -15.30
N LEU C 5 -2.60 20.86 -14.48
CA LEU C 5 -3.14 20.56 -13.16
C LEU C 5 -3.26 21.82 -12.29
N HIS C 6 -2.35 22.76 -12.50
CA HIS C 6 -2.37 24.03 -11.78
C HIS C 6 -3.60 24.85 -12.18
N ARG C 7 -3.86 24.87 -13.49
CA ARG C 7 -5.00 25.60 -14.03
C ARG C 7 -6.31 25.08 -13.46
N LEU C 8 -6.45 23.76 -13.41
CA LEU C 8 -7.68 23.14 -12.95
C LEU C 8 -7.84 23.21 -11.43
N LEU C 9 -6.73 23.44 -10.74
CA LEU C 9 -6.77 23.57 -9.28
C LEU C 9 -7.00 25.01 -8.83
N GLN C 10 -7.10 25.92 -9.79
CA GLN C 10 -7.33 27.33 -9.47
C GLN C 10 -8.60 27.86 -10.12
N ASP C 11 -9.11 27.13 -11.11
CA ASP C 11 -10.32 27.55 -11.81
C ASP C 11 -11.58 27.18 -11.04
N LYS D 3 11.92 -24.85 -8.18
CA LYS D 3 11.65 -23.65 -7.40
C LYS D 3 12.37 -23.70 -6.06
N ILE D 4 13.35 -22.82 -5.88
CA ILE D 4 14.17 -22.80 -4.67
C ILE D 4 13.33 -22.50 -3.43
N LEU D 5 12.45 -21.52 -3.54
CA LEU D 5 11.60 -21.12 -2.44
C LEU D 5 10.72 -22.26 -1.95
N HIS D 6 10.14 -23.00 -2.88
CA HIS D 6 9.29 -24.14 -2.56
C HIS D 6 10.09 -25.22 -1.83
N ARG D 7 11.32 -25.44 -2.28
CA ARG D 7 12.19 -26.43 -1.68
C ARG D 7 12.69 -25.97 -0.31
N LEU D 8 13.01 -24.69 -0.20
CA LEU D 8 13.53 -24.13 1.05
C LEU D 8 12.47 -24.05 2.13
N LEU D 9 11.21 -24.06 1.72
CA LEU D 9 10.10 -24.07 2.66
C LEU D 9 9.92 -25.48 3.23
N GLN D 10 10.46 -26.46 2.51
CA GLN D 10 10.45 -27.85 2.99
C GLN D 10 11.55 -28.03 4.02
N ASP D 11 12.79 -27.81 3.60
CA ASP D 11 13.95 -27.94 4.48
C ASP D 11 13.99 -26.79 5.48
C01 5C6 E . -8.62 -0.18 -14.44
C02 5C6 E . -8.76 0.60 -15.71
C03 5C6 E . -7.74 1.67 -15.98
C04 5C6 E . -8.11 2.99 -16.20
C05 5C6 E . -9.35 3.57 -15.59
C06 5C6 E . -10.27 4.24 -16.40
C07 5C6 E . -11.40 4.79 -15.83
C08 5C6 E . -11.64 4.66 -14.46
O09 5C6 E . -12.77 5.20 -13.88
C10 5C6 E . -10.72 3.99 -13.66
C11 5C6 E . -9.58 3.45 -14.23
C12 5C6 E . -7.30 3.87 -17.09
C13 5C6 E . -7.25 3.62 -18.44
C14 5C6 E . -6.50 4.43 -19.28
C15 5C6 E . -5.80 5.51 -18.76
O16 5C6 E . -5.06 6.32 -19.58
C17 5C6 E . -5.85 5.76 -17.39
C18 5C6 E . -6.60 4.94 -16.56
C19 5C6 E . -6.38 1.14 -16.34
C20 5C6 E . -5.20 1.68 -15.85
C21 5C6 E . -3.98 1.12 -16.22
C22 5C6 E . -3.95 0.00 -17.05
C23 5C6 E . -5.14 -0.53 -17.53
N24 5C6 E . -5.18 -1.70 -18.39
C25 5C6 E . -6.31 -2.59 -18.25
C26 5C6 E . -6.62 -3.20 -17.03
C27 5C6 E . -7.71 -4.06 -16.93
C28 5C6 E . -8.51 -4.32 -18.04
C29 5C6 E . -8.20 -3.70 -19.29
C30 5C6 E . -9.01 -3.96 -20.43
C31 5C6 E . -8.71 -3.36 -21.64
C32 5C6 E . -7.62 -2.50 -21.75
C33 5C6 E . -6.82 -2.24 -20.64
C34 5C6 E . -7.13 -2.86 -19.40
C35 5C6 E . -6.34 0.04 -17.16
C01 5C6 F . 16.27 -0.69 -0.22
C02 5C6 F . 17.51 -1.36 -0.70
C03 5C6 F . 17.33 -2.53 -1.63
C04 5C6 F . 17.54 -3.83 -1.21
C05 5C6 F . 17.57 -4.24 0.23
C06 5C6 F . 18.69 -4.86 0.76
C07 5C6 F . 18.72 -5.25 2.09
C08 5C6 F . 17.63 -5.01 2.91
O09 5C6 F . 17.66 -5.39 4.23
C10 5C6 F . 16.50 -4.38 2.39
C11 5C6 F . 16.47 -4.01 1.06
C12 5C6 F . 17.79 -4.91 -2.20
C13 5C6 F . 18.94 -4.84 -2.98
C14 5C6 F . 19.18 -5.82 -3.92
C15 5C6 F . 18.30 -6.87 -4.08
O16 5C6 F . 18.55 -7.84 -5.01
C17 5C6 F . 17.14 -6.94 -3.30
C18 5C6 F . 16.89 -5.95 -2.37
C19 5C6 F . 16.79 -2.18 -2.98
C20 5C6 F . 15.78 -2.92 -3.60
C21 5C6 F . 15.31 -2.54 -4.86
C22 5C6 F . 15.84 -1.42 -5.49
C23 5C6 F . 16.84 -0.67 -4.88
N24 5C6 F . 17.35 0.52 -5.54
C25 5C6 F . 18.57 1.25 -5.25
C26 5C6 F . 19.54 1.33 -6.24
C27 5C6 F . 20.74 2.02 -6.03
C28 5C6 F . 20.97 2.66 -4.81
C29 5C6 F . 19.98 2.60 -3.78
C30 5C6 F . 20.24 3.25 -2.54
C31 5C6 F . 19.29 3.20 -1.53
C32 5C6 F . 18.09 2.51 -1.72
C33 5C6 F . 17.84 1.89 -2.93
C34 5C6 F . 18.81 1.91 -3.99
C35 5C6 F . 17.29 -1.06 -3.63
#